data_4R5Q
#
_entry.id   4R5Q
#
_cell.length_a   117.836
_cell.length_b   117.836
_cell.length_c   89.412
_cell.angle_alpha   90.00
_cell.angle_beta   90.00
_cell.angle_gamma   90.00
#
_symmetry.space_group_name_H-M   'I 4 2 2'
#
loop_
_entity.id
_entity.type
_entity.pdbx_description
1 polymer 'CRISPR-associated exonuclease, Cas4 family'
2 non-polymer 'MAGNESIUM ION'
3 non-polymer 'FE2/S2 (INORGANIC) CLUSTER'
4 water water
#
_entity_poly.entity_id   1
_entity_poly.type   'polypeptide(L)'
_entity_poly.pdbx_seq_one_letter_code
;FNGMELLSPKPLCSVVNCEDLEKLDHVSALNELRREQEIFKLLPGIYAHRYDFRRVSPSIINDFEYCPRLLWVQHKLGLK
LLSEKSVVSIIRGRILHERYERLLSQYENVVAEYKVEIGDLVGVVDLVIKRGGEYIPVEIKTGFSKEAHKTQLQIYISML
KARFGYLVYRNHVEVVHRNDAALDVLKKIREILSAREAPPAKCNSCIFKPICKNLL
;
_entity_poly.pdbx_strand_id   A
#
loop_
_chem_comp.id
_chem_comp.type
_chem_comp.name
_chem_comp.formula
FES non-polymer 'FE2/S2 (INORGANIC) CLUSTER' 'Fe2 S2'
MG non-polymer 'MAGNESIUM ION' 'Mg 2'
#
# COMPACT_ATOMS: atom_id res chain seq x y z
N PHE A 1 21.15 0.51 10.26
CA PHE A 1 22.24 0.77 11.25
C PHE A 1 22.77 2.19 11.11
N ASN A 2 22.78 2.92 12.21
CA ASN A 2 23.38 4.25 12.24
C ASN A 2 24.86 4.19 11.89
N GLY A 3 25.32 5.14 11.07
CA GLY A 3 26.73 5.25 10.73
C GLY A 3 27.11 4.54 9.44
N MET A 4 26.30 3.57 9.03
CA MET A 4 26.55 2.79 7.82
C MET A 4 25.67 3.26 6.67
N GLU A 5 25.95 2.75 5.48
CA GLU A 5 25.14 3.04 4.30
C GLU A 5 24.69 1.74 3.63
N LEU A 6 23.50 1.79 3.04
CA LEU A 6 22.88 0.62 2.44
C LEU A 6 23.11 0.58 0.93
N LEU A 7 23.50 -0.58 0.44
CA LEU A 7 23.63 -0.81 -1.00
C LEU A 7 22.28 -1.23 -1.57
N SER A 8 21.68 -2.23 -0.92
CA SER A 8 20.42 -2.80 -1.35
C SER A 8 19.62 -3.28 -0.13
N PRO A 9 18.29 -3.13 -0.16
CA PRO A 9 17.52 -3.55 1.01
C PRO A 9 17.31 -5.06 1.05
N LYS A 10 17.19 -5.61 2.26
CA LYS A 10 17.01 -7.04 2.43
C LYS A 10 15.55 -7.36 2.72
N PRO A 11 15.14 -8.63 2.53
CA PRO A 11 13.75 -9.03 2.77
C PRO A 11 13.25 -8.62 4.15
N LEU A 12 11.94 -8.43 4.28
CA LEU A 12 11.33 -7.97 5.53
C LEU A 12 11.70 -8.85 6.71
N CYS A 13 11.55 -10.16 6.54
CA CYS A 13 11.75 -11.11 7.63
C CYS A 13 13.23 -11.38 7.90
N SER A 14 14.11 -10.80 7.08
CA SER A 14 15.55 -10.90 7.30
C SER A 14 16.06 -9.63 8.00
N VAL A 15 15.13 -8.74 8.35
CA VAL A 15 15.44 -7.50 9.05
C VAL A 15 14.59 -7.39 10.30
N VAL A 16 13.32 -7.77 10.17
CA VAL A 16 12.39 -7.82 11.29
C VAL A 16 12.12 -9.28 11.64
N ASN A 17 11.70 -9.54 12.87
CA ASN A 17 11.32 -10.89 13.28
C ASN A 17 9.83 -11.13 13.05
N CYS A 18 9.51 -11.81 11.95
CA CYS A 18 8.11 -11.99 11.55
C CYS A 18 7.37 -12.98 12.45
N GLU A 19 8.10 -13.90 13.07
CA GLU A 19 7.51 -14.91 13.94
C GLU A 19 6.79 -14.28 15.12
N ASP A 20 7.29 -13.12 15.55
CA ASP A 20 6.70 -12.41 16.67
C ASP A 20 5.26 -11.97 16.37
N LEU A 21 4.95 -11.86 15.09
CA LEU A 21 3.67 -11.33 14.63
C LEU A 21 2.65 -12.43 14.29
N GLU A 22 3.07 -13.68 14.35
CA GLU A 22 2.20 -14.79 14.00
C GLU A 22 1.26 -15.17 15.15
N LYS A 23 1.43 -14.50 16.29
CA LYS A 23 0.56 -14.70 17.45
C LYS A 23 -0.48 -13.60 17.54
N LEU A 24 -0.91 -13.10 16.38
CA LEU A 24 -1.82 -11.96 16.30
C LEU A 24 -3.15 -12.33 15.67
N ASP A 25 -3.48 -13.62 15.68
CA ASP A 25 -4.61 -14.12 14.90
C ASP A 25 -5.78 -14.64 15.76
N HIS A 26 -6.07 -13.93 16.84
CA HIS A 26 -7.30 -14.17 17.61
C HIS A 26 -8.09 -12.88 17.73
N VAL A 27 -9.40 -13.01 17.95
CA VAL A 27 -10.31 -11.87 18.03
C VAL A 27 -9.86 -10.87 19.11
N SER A 28 -9.42 -11.41 20.25
CA SER A 28 -9.03 -10.58 21.38
C SER A 28 -7.85 -9.68 21.01
N ALA A 29 -6.86 -10.24 20.31
CA ALA A 29 -5.68 -9.49 19.89
C ALA A 29 -6.02 -8.56 18.72
N LEU A 30 -6.92 -9.02 17.84
CA LEU A 30 -7.38 -8.21 16.72
C LEU A 30 -8.03 -6.93 17.22
N ASN A 31 -8.98 -7.06 18.13
CA ASN A 31 -9.76 -5.93 18.62
C ASN A 31 -8.90 -4.88 19.33
N GLU A 32 -7.71 -5.27 19.77
CA GLU A 32 -6.81 -4.35 20.45
C GLU A 32 -5.94 -3.61 19.43
N LEU A 33 -5.42 -4.35 18.46
CA LEU A 33 -4.63 -3.74 17.39
C LEU A 33 -5.52 -2.91 16.49
N ARG A 34 -6.77 -3.33 16.34
CA ARG A 34 -7.77 -2.58 15.59
C ARG A 34 -7.87 -1.15 16.08
N ARG A 35 -8.12 -1.00 17.38
CA ARG A 35 -8.26 0.30 18.03
C ARG A 35 -7.14 1.26 17.64
N GLU A 36 -5.91 0.75 17.65
CA GLU A 36 -4.75 1.59 17.43
C GLU A 36 -4.65 2.06 15.97
N GLN A 37 -4.97 1.16 15.05
CA GLN A 37 -4.93 1.47 13.61
C GLN A 37 -6.16 2.26 13.16
N GLU A 38 -7.05 2.59 14.10
CA GLU A 38 -8.28 3.30 13.81
C GLU A 38 -9.11 2.54 12.77
N ILE A 39 -9.03 1.23 12.82
CA ILE A 39 -9.87 0.36 12.00
C ILE A 39 -11.05 -0.13 12.83
N PHE A 40 -12.26 0.05 12.31
CA PHE A 40 -13.47 -0.35 13.02
C PHE A 40 -14.32 -1.33 12.24
N LYS A 41 -15.18 -2.03 12.96
CA LYS A 41 -16.12 -2.97 12.35
C LYS A 41 -17.37 -2.20 11.94
N LEU A 42 -17.74 -2.33 10.67
CA LEU A 42 -18.91 -1.65 10.14
C LEU A 42 -20.07 -2.65 10.02
N LEU A 43 -19.82 -3.73 9.27
CA LEU A 43 -20.79 -4.81 9.09
C LEU A 43 -20.12 -6.13 9.51
N PRO A 44 -20.89 -7.12 9.98
CA PRO A 44 -20.35 -8.40 10.44
C PRO A 44 -19.19 -8.99 9.63
N GLY A 45 -19.10 -8.68 8.34
CA GLY A 45 -18.02 -9.19 7.50
C GLY A 45 -17.19 -8.09 6.86
N ILE A 46 -17.37 -6.86 7.35
CA ILE A 46 -16.73 -5.69 6.75
C ILE A 46 -16.11 -4.78 7.80
N TYR A 47 -14.82 -4.51 7.66
CA TYR A 47 -14.13 -3.53 8.48
C TYR A 47 -13.84 -2.30 7.64
N ALA A 48 -13.51 -1.19 8.29
CA ALA A 48 -13.24 0.04 7.58
C ALA A 48 -12.34 0.99 8.35
N HIS A 49 -11.74 1.93 7.63
CA HIS A 49 -11.01 3.04 8.24
C HIS A 49 -11.06 4.24 7.31
N ARG A 50 -10.82 5.42 7.87
CA ARG A 50 -10.80 6.65 7.09
C ARG A 50 -9.66 6.64 6.09
N TYR A 51 -9.88 7.17 4.89
CA TYR A 51 -8.84 7.25 3.89
C TYR A 51 -8.93 8.53 3.07
N ASP A 52 -7.77 9.15 2.87
CA ASP A 52 -7.66 10.34 2.03
C ASP A 52 -7.39 9.91 0.59
N PHE A 53 -8.32 10.23 -0.30
CA PHE A 53 -8.21 9.80 -1.70
C PHE A 53 -7.47 10.82 -2.56
N ARG A 54 -6.89 11.84 -1.92
CA ARG A 54 -5.89 12.68 -2.57
C ARG A 54 -4.57 11.91 -2.65
N ARG A 55 -4.47 10.88 -1.82
CA ARG A 55 -3.25 10.08 -1.69
C ARG A 55 -3.34 8.81 -2.53
N VAL A 56 -2.40 8.67 -3.48
CA VAL A 56 -2.28 7.44 -4.24
C VAL A 56 -1.58 6.40 -3.37
N SER A 57 -1.99 5.14 -3.50
CA SER A 57 -1.37 4.07 -2.72
C SER A 57 -1.69 2.71 -3.33
N PRO A 58 -0.90 1.69 -2.96
CA PRO A 58 -1.18 0.31 -3.42
C PRO A 58 -2.60 -0.12 -3.11
N SER A 59 -3.18 0.48 -2.07
CA SER A 59 -4.57 0.23 -1.70
C SER A 59 -5.50 0.53 -2.88
N ILE A 60 -5.32 1.71 -3.46
CA ILE A 60 -6.16 2.17 -4.56
C ILE A 60 -5.93 1.36 -5.83
N ILE A 61 -4.65 1.14 -6.18
CA ILE A 61 -4.31 0.36 -7.37
C ILE A 61 -4.90 -1.04 -7.26
N ASN A 62 -4.72 -1.67 -6.10
CA ASN A 62 -5.25 -3.00 -5.85
C ASN A 62 -6.77 -3.04 -6.00
N ASP A 63 -7.43 -1.95 -5.61
CA ASP A 63 -8.88 -1.87 -5.64
C ASP A 63 -9.41 -1.50 -7.02
N PHE A 64 -8.65 -0.68 -7.75
CA PHE A 64 -9.05 -0.34 -9.11
C PHE A 64 -9.10 -1.58 -9.98
N GLU A 65 -8.10 -2.46 -9.81
CA GLU A 65 -8.04 -3.68 -10.60
C GLU A 65 -9.09 -4.69 -10.17
N TYR A 66 -9.24 -4.86 -8.86
CA TYR A 66 -10.20 -5.82 -8.31
C TYR A 66 -11.64 -5.48 -8.74
N CYS A 67 -12.05 -4.24 -8.52
CA CYS A 67 -13.40 -3.81 -8.86
C CYS A 67 -13.51 -2.28 -8.83
N PRO A 68 -13.46 -1.64 -10.02
CA PRO A 68 -13.59 -0.17 -10.11
C PRO A 68 -14.81 0.38 -9.39
N ARG A 69 -15.84 -0.44 -9.24
CA ARG A 69 -17.04 -0.03 -8.52
C ARG A 69 -16.71 0.16 -7.04
N LEU A 70 -15.93 -0.78 -6.48
CA LEU A 70 -15.55 -0.71 -5.08
C LEU A 70 -14.76 0.56 -4.78
N LEU A 71 -13.91 0.95 -5.72
CA LEU A 71 -13.11 2.14 -5.57
C LEU A 71 -13.98 3.39 -5.50
N TRP A 72 -15.01 3.41 -6.34
CA TRP A 72 -15.94 4.55 -6.41
C TRP A 72 -16.76 4.63 -5.13
N VAL A 73 -17.26 3.49 -4.67
CA VAL A 73 -18.04 3.41 -3.44
C VAL A 73 -17.23 3.90 -2.24
N GLN A 74 -15.96 3.52 -2.21
CA GLN A 74 -15.08 3.91 -1.11
C GLN A 74 -14.76 5.39 -1.15
N HIS A 75 -14.57 5.93 -2.34
CA HIS A 75 -14.30 7.35 -2.50
C HIS A 75 -15.48 8.18 -2.00
N LYS A 76 -16.69 7.69 -2.24
CA LYS A 76 -17.91 8.36 -1.82
C LYS A 76 -18.11 8.28 -0.31
N LEU A 77 -17.73 7.14 0.27
CA LEU A 77 -17.87 6.94 1.71
C LEU A 77 -16.80 7.68 2.51
N GLY A 78 -15.69 8.00 1.85
CA GLY A 78 -14.53 8.54 2.54
C GLY A 78 -13.87 7.47 3.40
N LEU A 79 -14.26 6.22 3.15
CA LEU A 79 -13.78 5.07 3.93
C LEU A 79 -13.12 4.05 3.03
N LYS A 80 -12.07 3.42 3.55
CA LYS A 80 -11.47 2.26 2.93
C LYS A 80 -12.16 1.03 3.51
N LEU A 81 -12.62 0.13 2.65
CA LEU A 81 -13.34 -1.06 3.09
C LEU A 81 -12.44 -2.29 3.06
N LEU A 82 -12.33 -2.96 4.21
CA LEU A 82 -11.51 -4.15 4.35
C LEU A 82 -12.37 -5.39 4.65
N SER A 83 -12.09 -6.48 3.94
CA SER A 83 -12.81 -7.73 4.18
C SER A 83 -12.35 -8.36 5.50
N GLU A 84 -13.28 -9.00 6.19
CA GLU A 84 -12.97 -9.67 7.45
C GLU A 84 -11.86 -10.72 7.28
N LYS A 85 -11.61 -11.10 6.03
CA LYS A 85 -10.51 -12.00 5.71
C LYS A 85 -9.18 -11.30 5.92
N SER A 86 -8.96 -10.24 5.15
CA SER A 86 -7.66 -9.60 5.05
C SER A 86 -7.50 -8.40 5.98
N VAL A 87 -8.32 -8.31 7.01
CA VAL A 87 -8.15 -7.24 8.00
C VAL A 87 -6.90 -7.51 8.83
N VAL A 88 -6.61 -8.79 9.05
CA VAL A 88 -5.43 -9.19 9.80
C VAL A 88 -4.16 -9.04 8.96
N SER A 89 -4.29 -9.22 7.65
CA SER A 89 -3.16 -9.05 6.74
C SER A 89 -2.75 -7.59 6.61
N ILE A 90 -3.72 -6.70 6.77
CA ILE A 90 -3.46 -5.26 6.73
C ILE A 90 -2.77 -4.81 8.00
N ILE A 91 -3.38 -5.17 9.14
CA ILE A 91 -2.83 -4.81 10.45
C ILE A 91 -1.42 -5.35 10.63
N ARG A 92 -1.22 -6.63 10.29
CA ARG A 92 0.09 -7.26 10.35
C ARG A 92 1.08 -6.57 9.42
N GLY A 93 0.64 -6.28 8.21
CA GLY A 93 1.48 -5.61 7.23
C GLY A 93 1.89 -4.21 7.66
N ARG A 94 1.00 -3.55 8.39
CA ARG A 94 1.28 -2.18 8.84
C ARG A 94 2.34 -2.15 9.93
N ILE A 95 2.28 -3.13 10.83
CA ILE A 95 3.26 -3.23 11.90
C ILE A 95 4.62 -3.62 11.32
N LEU A 96 4.61 -4.55 10.37
CA LEU A 96 5.83 -4.96 9.67
C LEU A 96 6.45 -3.79 8.92
N HIS A 97 5.60 -3.03 8.23
CA HIS A 97 6.03 -1.84 7.50
C HIS A 97 6.72 -0.87 8.46
N GLU A 98 6.10 -0.63 9.60
CA GLU A 98 6.59 0.37 10.54
C GLU A 98 7.95 -0.02 11.09
N ARG A 99 8.13 -1.29 11.42
CA ARG A 99 9.38 -1.77 11.99
C ARG A 99 10.50 -1.77 10.96
N TYR A 100 10.20 -2.27 9.77
CA TYR A 100 11.18 -2.32 8.68
C TYR A 100 11.57 -0.92 8.25
N GLU A 101 10.60 0.00 8.24
CA GLU A 101 10.85 1.39 7.89
C GLU A 101 11.82 2.03 8.87
N ARG A 102 11.47 1.97 10.15
CA ARG A 102 12.24 2.61 11.20
C ARG A 102 13.66 2.06 11.29
N LEU A 103 13.82 0.79 10.91
CA LEU A 103 15.13 0.14 10.97
C LEU A 103 16.02 0.49 9.78
N LEU A 104 15.42 0.60 8.59
CA LEU A 104 16.19 0.95 7.40
C LEU A 104 16.44 2.45 7.31
N SER A 105 15.54 3.25 7.87
CA SER A 105 15.73 4.70 7.89
C SER A 105 16.91 5.09 8.79
N GLN A 106 17.46 4.11 9.50
CA GLN A 106 18.60 4.34 10.39
C GLN A 106 19.90 4.53 9.60
N TYR A 107 19.96 3.95 8.40
CA TYR A 107 21.09 4.15 7.52
C TYR A 107 21.19 5.63 7.16
N GLU A 108 22.41 6.09 6.89
CA GLU A 108 22.64 7.49 6.58
C GLU A 108 22.10 7.86 5.21
N ASN A 109 22.14 6.90 4.28
CA ASN A 109 21.70 7.13 2.90
C ASN A 109 20.29 6.63 2.61
N VAL A 110 19.53 6.37 3.67
CA VAL A 110 18.16 5.90 3.55
C VAL A 110 17.21 6.85 4.26
N VAL A 111 16.03 7.05 3.68
CA VAL A 111 15.04 7.99 4.22
C VAL A 111 13.63 7.43 4.06
N ALA A 112 12.77 7.74 5.03
CA ALA A 112 11.42 7.17 5.08
C ALA A 112 10.34 8.19 4.76
N GLU A 113 9.25 7.72 4.16
CA GLU A 113 8.09 8.56 3.85
C GLU A 113 8.48 9.80 3.04
N TYR A 114 9.00 9.57 1.84
CA TYR A 114 9.37 10.65 0.94
C TYR A 114 8.15 11.11 0.16
N LYS A 115 7.67 12.31 0.47
CA LYS A 115 6.47 12.85 -0.17
C LYS A 115 6.76 13.30 -1.60
N VAL A 116 5.96 12.83 -2.53
CA VAL A 116 6.05 13.24 -3.93
C VAL A 116 4.67 13.68 -4.42
N GLU A 117 4.65 14.58 -5.39
CA GLU A 117 3.42 15.18 -5.87
C GLU A 117 3.17 14.79 -7.33
N ILE A 118 2.02 14.15 -7.55
CA ILE A 118 1.65 13.64 -8.87
C ILE A 118 0.54 14.50 -9.47
N GLY A 119 0.75 15.82 -9.47
CA GLY A 119 -0.26 16.74 -9.95
C GLY A 119 -1.33 16.99 -8.90
N ASP A 120 -2.54 16.53 -9.19
CA ASP A 120 -3.66 16.70 -8.27
C ASP A 120 -3.60 15.69 -7.12
N LEU A 121 -2.77 14.67 -7.28
CA LEU A 121 -2.61 13.62 -6.28
C LEU A 121 -1.23 13.69 -5.63
N VAL A 122 -1.08 13.00 -4.50
CA VAL A 122 0.20 12.91 -3.81
C VAL A 122 0.58 11.45 -3.60
N GLY A 123 1.88 11.20 -3.52
CA GLY A 123 2.40 9.87 -3.25
C GLY A 123 3.39 9.92 -2.10
N VAL A 124 3.56 8.78 -1.44
CA VAL A 124 4.49 8.67 -0.32
C VAL A 124 5.31 7.39 -0.45
N VAL A 125 6.58 7.55 -0.83
CA VAL A 125 7.47 6.41 -1.01
C VAL A 125 7.84 5.83 0.34
N ASP A 126 7.68 4.51 0.48
CA ASP A 126 7.95 3.84 1.75
C ASP A 126 9.36 4.14 2.23
N LEU A 127 10.34 3.91 1.36
CA LEU A 127 11.73 4.20 1.66
C LEU A 127 12.44 4.71 0.40
N VAL A 128 13.40 5.60 0.60
CA VAL A 128 14.21 6.11 -0.50
C VAL A 128 15.70 5.98 -0.16
N ILE A 129 16.42 5.21 -0.97
CA ILE A 129 17.86 5.07 -0.84
C ILE A 129 18.53 6.12 -1.73
N LYS A 130 19.58 6.75 -1.21
CA LYS A 130 20.27 7.82 -1.94
C LYS A 130 21.68 7.39 -2.36
N ARG A 131 21.76 6.61 -3.44
CA ARG A 131 23.04 6.21 -4.01
C ARG A 131 23.52 7.31 -4.97
N GLY A 132 24.38 8.18 -4.47
CA GLY A 132 24.82 9.34 -5.22
C GLY A 132 23.72 10.38 -5.28
N GLY A 133 23.68 11.13 -6.37
CA GLY A 133 22.64 12.13 -6.56
C GLY A 133 21.33 11.55 -7.02
N GLU A 134 21.28 10.22 -7.12
CA GLU A 134 20.09 9.52 -7.60
C GLU A 134 19.28 8.94 -6.43
N TYR A 135 17.96 9.02 -6.55
CA TYR A 135 17.05 8.47 -5.55
C TYR A 135 16.47 7.14 -6.04
N ILE A 136 16.84 6.06 -5.38
CA ILE A 136 16.26 4.74 -5.67
C ILE A 136 15.05 4.50 -4.77
N PRO A 137 13.85 4.34 -5.36
CA PRO A 137 12.67 4.10 -4.54
C PRO A 137 12.59 2.66 -4.05
N VAL A 138 11.98 2.47 -2.87
CA VAL A 138 11.76 1.15 -2.32
C VAL A 138 10.29 1.02 -1.95
N GLU A 139 9.70 -0.11 -2.31
CA GLU A 139 8.30 -0.39 -2.01
C GLU A 139 8.21 -1.65 -1.15
N ILE A 140 7.61 -1.50 0.03
CA ILE A 140 7.44 -2.62 0.95
C ILE A 140 6.13 -3.34 0.66
N LYS A 141 6.23 -4.63 0.33
CA LYS A 141 5.09 -5.42 -0.08
C LYS A 141 4.35 -5.98 1.15
N THR A 142 3.21 -5.37 1.47
CA THR A 142 2.45 -5.74 2.66
C THR A 142 0.95 -5.55 2.49
N GLY A 143 0.20 -6.65 2.65
CA GLY A 143 -1.25 -6.59 2.72
C GLY A 143 -1.97 -6.72 1.38
N PHE A 144 -1.47 -6.03 0.36
CA PHE A 144 -2.14 -5.98 -0.93
C PHE A 144 -1.45 -6.86 -1.97
N SER A 145 -1.97 -6.87 -3.19
CA SER A 145 -1.49 -7.76 -4.23
C SER A 145 -0.11 -7.39 -4.71
N LYS A 146 0.62 -8.39 -5.20
CA LYS A 146 1.95 -8.20 -5.76
C LYS A 146 1.94 -7.15 -6.87
N GLU A 147 0.94 -7.23 -7.74
CA GLU A 147 0.87 -6.36 -8.90
C GLU A 147 0.58 -4.92 -8.50
N ALA A 148 -0.18 -4.75 -7.42
CA ALA A 148 -0.56 -3.43 -6.93
C ALA A 148 0.67 -2.66 -6.44
N HIS A 149 1.46 -3.31 -5.59
CA HIS A 149 2.68 -2.70 -5.08
C HIS A 149 3.67 -2.47 -6.19
N LYS A 150 3.78 -3.45 -7.09
CA LYS A 150 4.71 -3.38 -8.21
C LYS A 150 4.40 -2.19 -9.11
N THR A 151 3.11 -1.97 -9.37
CA THR A 151 2.67 -0.83 -10.15
C THR A 151 3.00 0.47 -9.42
N GLN A 152 2.66 0.51 -8.14
CA GLN A 152 2.93 1.68 -7.31
C GLN A 152 4.39 2.06 -7.36
N LEU A 153 5.26 1.06 -7.30
CA LEU A 153 6.70 1.29 -7.32
C LEU A 153 7.14 1.81 -8.69
N GLN A 154 6.56 1.26 -9.75
CA GLN A 154 6.89 1.70 -11.10
C GLN A 154 6.50 3.16 -11.32
N ILE A 155 5.49 3.62 -10.58
CA ILE A 155 5.10 5.03 -10.64
C ILE A 155 6.17 5.89 -9.97
N TYR A 156 6.62 5.46 -8.79
CA TYR A 156 7.64 6.21 -8.05
C TYR A 156 8.98 6.23 -8.78
N ILE A 157 9.28 5.15 -9.50
CA ILE A 157 10.48 5.12 -10.33
C ILE A 157 10.38 6.17 -11.42
N SER A 158 9.24 6.19 -12.11
CA SER A 158 9.02 7.10 -13.23
C SER A 158 8.92 8.56 -12.79
N MET A 159 8.61 8.78 -11.51
CA MET A 159 8.50 10.13 -10.97
C MET A 159 9.85 10.63 -10.46
N LEU A 160 10.65 9.71 -9.93
CA LEU A 160 11.97 10.05 -9.42
C LEU A 160 13.04 9.97 -10.51
N LYS A 161 12.66 9.46 -11.68
CA LYS A 161 13.59 9.29 -12.79
C LYS A 161 14.71 8.33 -12.42
N ALA A 162 14.37 7.30 -11.65
CA ALA A 162 15.34 6.28 -11.25
C ALA A 162 15.48 5.23 -12.33
N ARG A 163 16.59 4.50 -12.29
CA ARG A 163 16.84 3.46 -13.28
C ARG A 163 16.12 2.17 -12.90
N PHE A 164 15.89 1.98 -11.60
CA PHE A 164 15.10 0.85 -11.10
C PHE A 164 14.64 1.10 -9.67
N GLY A 165 13.97 0.12 -9.10
CA GLY A 165 13.50 0.19 -7.72
C GLY A 165 13.51 -1.17 -7.06
N TYR A 166 13.35 -1.18 -5.74
CA TYR A 166 13.36 -2.42 -4.96
C TYR A 166 11.98 -2.74 -4.39
N LEU A 167 11.53 -3.98 -4.63
CA LEU A 167 10.26 -4.46 -4.12
C LEU A 167 10.52 -5.53 -3.06
N VAL A 168 10.42 -5.13 -1.80
CA VAL A 168 10.79 -6.00 -0.68
C VAL A 168 9.67 -6.95 -0.28
N TYR A 169 9.90 -8.24 -0.47
CA TYR A 169 8.96 -9.27 -0.01
C TYR A 169 9.38 -9.78 1.35
N ARG A 170 8.60 -10.72 1.91
CA ARG A 170 8.89 -11.27 3.22
C ARG A 170 10.24 -11.98 3.26
N ASN A 171 10.50 -12.83 2.26
CA ASN A 171 11.70 -13.67 2.27
C ASN A 171 12.55 -13.54 1.02
N HIS A 172 12.31 -12.50 0.24
CA HIS A 172 13.16 -12.19 -0.91
C HIS A 172 12.92 -10.76 -1.37
N VAL A 173 13.73 -10.32 -2.33
CA VAL A 173 13.61 -8.97 -2.88
C VAL A 173 13.64 -9.03 -4.40
N GLU A 174 12.91 -8.11 -5.03
CA GLU A 174 12.77 -8.09 -6.48
C GLU A 174 13.16 -6.71 -7.01
N VAL A 175 13.93 -6.68 -8.09
CA VAL A 175 14.36 -5.43 -8.70
C VAL A 175 13.42 -5.05 -9.84
N VAL A 176 12.52 -4.13 -9.56
CA VAL A 176 11.53 -3.69 -10.55
C VAL A 176 12.14 -2.64 -11.48
N HIS A 177 12.05 -2.89 -12.78
CA HIS A 177 12.60 -1.99 -13.78
C HIS A 177 11.62 -0.91 -14.17
N ARG A 178 12.14 0.25 -14.54
CA ARG A 178 11.32 1.41 -14.92
C ARG A 178 10.37 1.09 -16.06
N ASN A 179 9.08 1.32 -15.83
CA ASN A 179 8.04 1.09 -16.82
C ASN A 179 7.00 2.21 -16.79
N ASP A 180 7.20 3.19 -17.65
CA ASP A 180 6.34 4.38 -17.68
C ASP A 180 4.89 4.03 -18.06
N ALA A 181 4.66 2.82 -18.53
CA ALA A 181 3.31 2.39 -18.90
C ALA A 181 2.42 2.27 -17.68
N ALA A 182 3.02 2.17 -16.50
CA ALA A 182 2.29 2.06 -15.25
C ALA A 182 1.59 3.38 -14.91
N LEU A 183 2.12 4.48 -15.42
CA LEU A 183 1.55 5.80 -15.20
C LEU A 183 0.17 5.93 -15.88
N ASP A 184 -0.07 5.08 -16.87
CA ASP A 184 -1.36 5.07 -17.56
C ASP A 184 -2.48 4.68 -16.61
N VAL A 185 -2.14 3.85 -15.62
CA VAL A 185 -3.09 3.42 -14.61
C VAL A 185 -3.57 4.61 -13.78
N LEU A 186 -2.73 5.63 -13.69
CA LEU A 186 -3.01 6.80 -12.86
C LEU A 186 -4.08 7.70 -13.46
N LYS A 187 -4.11 7.79 -14.78
CA LYS A 187 -5.10 8.61 -15.47
C LYS A 187 -6.48 7.96 -15.37
N LYS A 188 -6.51 6.63 -15.42
CA LYS A 188 -7.76 5.89 -15.34
C LYS A 188 -8.41 6.02 -13.97
N ILE A 189 -7.58 5.95 -12.91
CA ILE A 189 -8.08 6.08 -11.55
C ILE A 189 -8.65 7.47 -11.29
N ARG A 190 -7.95 8.50 -11.74
CA ARG A 190 -8.41 9.88 -11.61
C ARG A 190 -9.78 10.08 -12.26
N GLU A 191 -10.08 9.25 -13.25
CA GLU A 191 -11.35 9.33 -13.97
C GLU A 191 -12.48 8.63 -13.21
N ILE A 192 -12.16 7.50 -12.60
CA ILE A 192 -13.15 6.73 -11.85
C ILE A 192 -13.67 7.50 -10.63
N LEU A 193 -12.76 8.18 -9.94
CA LEU A 193 -13.12 8.94 -8.75
C LEU A 193 -14.00 10.14 -9.10
N SER A 194 -13.68 10.81 -10.20
CA SER A 194 -14.42 12.00 -10.63
C SER A 194 -15.74 11.64 -11.32
N ALA A 195 -15.90 10.37 -11.66
CA ALA A 195 -17.09 9.89 -12.35
C ALA A 195 -18.34 10.10 -11.50
N ARG A 196 -19.32 10.81 -12.07
CA ARG A 196 -20.55 11.12 -11.36
C ARG A 196 -21.40 9.88 -11.18
N GLU A 197 -21.22 8.92 -12.08
CA GLU A 197 -21.91 7.63 -12.02
C GLU A 197 -20.95 6.51 -11.61
N ALA A 198 -21.49 5.47 -10.98
CA ALA A 198 -20.67 4.35 -10.52
C ALA A 198 -20.33 3.41 -11.68
N PRO A 199 -19.05 3.02 -11.82
CA PRO A 199 -18.71 2.05 -12.87
C PRO A 199 -19.32 0.68 -12.61
N PRO A 200 -19.21 -0.23 -13.58
CA PRO A 200 -19.76 -1.59 -13.42
C PRO A 200 -18.84 -2.48 -12.59
N ALA A 201 -19.42 -3.42 -11.86
CA ALA A 201 -18.65 -4.32 -11.00
C ALA A 201 -17.79 -5.27 -11.83
N LYS A 202 -16.50 -5.32 -11.52
CA LYS A 202 -15.57 -6.20 -12.21
C LYS A 202 -15.18 -7.36 -11.30
N CYS A 203 -16.16 -7.87 -10.56
CA CYS A 203 -15.95 -8.98 -9.65
C CYS A 203 -17.05 -10.04 -9.82
N ASN A 204 -16.75 -11.26 -9.42
CA ASN A 204 -17.68 -12.38 -9.57
C ASN A 204 -18.77 -12.35 -8.50
N SER A 205 -18.42 -11.93 -7.29
CA SER A 205 -19.36 -11.83 -6.19
C SER A 205 -18.89 -10.79 -5.17
N CYS A 206 -19.75 -9.81 -4.90
CA CYS A 206 -19.39 -8.75 -3.98
C CYS A 206 -19.34 -9.28 -2.54
N ILE A 207 -18.15 -9.25 -1.95
CA ILE A 207 -17.97 -9.65 -0.55
C ILE A 207 -18.32 -8.50 0.40
N PHE A 208 -18.71 -7.36 -0.16
CA PHE A 208 -19.02 -6.16 0.61
C PHE A 208 -20.49 -5.78 0.55
N LYS A 209 -21.35 -6.75 0.27
CA LYS A 209 -22.79 -6.51 0.26
C LYS A 209 -23.27 -6.11 1.65
N PRO A 210 -24.30 -5.23 1.73
CA PRO A 210 -25.04 -4.60 0.64
C PRO A 210 -24.51 -3.21 0.26
N ILE A 211 -23.33 -2.85 0.77
CA ILE A 211 -22.82 -1.50 0.60
C ILE A 211 -22.65 -1.09 -0.87
N CYS A 212 -22.09 -1.99 -1.68
CA CYS A 212 -21.80 -1.67 -3.08
C CYS A 212 -23.06 -1.36 -3.88
N LYS A 213 -24.15 -2.07 -3.57
CA LYS A 213 -25.41 -1.90 -4.28
C LYS A 213 -26.12 -0.62 -3.86
N ASN A 214 -25.83 -0.13 -2.66
CA ASN A 214 -26.49 1.06 -2.12
C ASN A 214 -25.65 2.32 -2.28
N LEU A 215 -24.47 2.17 -2.90
CA LEU A 215 -23.47 3.23 -2.99
C LEU A 215 -22.88 3.59 -1.62
MG MG B . 4.44 -0.38 0.35
FE1 FES C . -17.13 -5.56 -6.92
FE2 FES C . -18.80 -4.82 -4.46
S1 FES C . -19.06 -4.57 -6.62
S2 FES C . -16.76 -5.55 -4.76
#